data_5ORO
#
_entry.id   5ORO
#
_cell.length_a   82.313
_cell.length_b   82.313
_cell.length_c   176.048
_cell.angle_alpha   90.000
_cell.angle_beta   90.000
_cell.angle_gamma   120.000
#
_symmetry.space_group_name_H-M   'P 61 2 2'
#
loop_
_entity.id
_entity.type
_entity.pdbx_description
1 polymer 'Aurora kinase A'
2 non-polymer "ADENOSINE-5'-DIPHOSPHATE"
3 non-polymer 'MAGNESIUM ION'
4 non-polymer 3-(4-chlorophenyl)-5,6-dihydroimidazo[2,1-b][1,3]thiazole
5 water water
#
_entity_poly.entity_id   1
_entity_poly.type   'polypeptide(L)'
_entity_poly.pdbx_seq_one_letter_code
;QWALEDFEIGRPLGKGKFGNVYLAREKQSKFILALKVLFKAQLEKAGVEHQLRREVEIQSHLRHPNILRLYGYFHDATRV
YLILEYAPLGTVYRELQKLSKFDEQRTATYITELANALSYCHSKRVIHRDIKPENLLLGSAGELKIADFGWSVHAPSSRR
T(TPO)LAGTLDYLPPEMIEGRMHDEKVDLWSLGVLCYEFLVGKPPFEANTYQETYKRISRVEFTFPDFVTEGARDLISR
LLKHNPSQRPMLREVLEHPWITANSSKPS
;
_entity_poly.pdbx_strand_id   A
#
loop_
_chem_comp.id
_chem_comp.type
_chem_comp.name
_chem_comp.formula
A5H non-polymer 3-(4-chlorophenyl)-5,6-dihydroimidazo[2,1-b][1,3]thiazole 'C11 H9 Cl N2 S'
ADP non-polymer ADENOSINE-5'-DIPHOSPHATE 'C10 H15 N5 O10 P2'
MG non-polymer 'MAGNESIUM ION' 'Mg 2'
#
# COMPACT_ATOMS: atom_id res chain seq x y z
N GLN A 1 22.99 -17.14 -7.39
CA GLN A 1 23.19 -17.63 -6.04
C GLN A 1 22.07 -18.58 -5.62
N TRP A 2 20.87 -18.05 -5.40
CA TRP A 2 19.72 -18.91 -5.11
C TRP A 2 19.06 -19.43 -6.39
N ALA A 3 18.34 -20.54 -6.24
CA ALA A 3 17.57 -21.11 -7.33
C ALA A 3 16.36 -21.84 -6.74
N LEU A 4 15.44 -22.29 -7.60
CA LEU A 4 14.24 -23.00 -7.16
C LEU A 4 14.56 -24.20 -6.27
N GLU A 5 15.67 -24.87 -6.58
CA GLU A 5 16.12 -26.08 -5.89
C GLU A 5 16.35 -25.93 -4.39
N ASP A 6 16.52 -24.68 -3.94
CA ASP A 6 16.88 -24.43 -2.56
C ASP A 6 15.68 -24.30 -1.64
N PHE A 7 14.49 -24.52 -2.20
CA PHE A 7 13.24 -24.26 -1.47
C PHE A 7 12.24 -25.40 -1.58
N GLU A 8 11.53 -25.64 -0.48
CA GLU A 8 10.33 -26.44 -0.53
C GLU A 8 9.13 -25.50 -0.56
N ILE A 9 8.23 -25.71 -1.50
CA ILE A 9 7.11 -24.80 -1.68
C ILE A 9 5.89 -25.28 -0.91
N GLY A 10 5.13 -24.34 -0.37
CA GLY A 10 3.93 -24.66 0.38
C GLY A 10 2.68 -24.11 -0.28
N ARG A 11 1.69 -23.74 0.53
CA ARG A 11 0.41 -23.27 0.01
C ARG A 11 0.48 -21.85 -0.53
N PRO A 12 -0.38 -21.56 -1.53
CA PRO A 12 -0.59 -20.22 -2.07
C PRO A 12 -1.00 -19.20 -1.01
N LEU A 13 -0.31 -18.07 -0.95
CA LEU A 13 -0.63 -17.01 -0.01
C LEU A 13 -1.53 -15.93 -0.64
N GLY A 14 -1.47 -15.81 -1.96
CA GLY A 14 -2.31 -14.85 -2.65
C GLY A 14 -1.97 -14.68 -4.12
N LYS A 15 -2.82 -13.94 -4.83
CA LYS A 15 -2.60 -13.69 -6.25
C LYS A 15 -2.79 -12.20 -6.58
N GLY A 16 -1.88 -11.67 -7.40
CA GLY A 16 -2.00 -10.31 -7.90
C GLY A 16 -2.06 -10.32 -9.41
N LYS A 17 -1.91 -9.15 -10.03
CA LYS A 17 -1.97 -9.03 -11.49
C LYS A 17 -0.89 -9.87 -12.16
N PHE A 18 0.35 -9.69 -11.72
CA PHE A 18 1.46 -10.48 -12.24
C PHE A 18 1.88 -11.51 -11.22
N GLY A 19 1.81 -11.13 -9.95
CA GLY A 19 2.35 -11.92 -8.87
C GLY A 19 1.51 -13.11 -8.43
N ASN A 20 2.20 -14.20 -8.16
CA ASN A 20 1.62 -15.37 -7.55
C ASN A 20 2.50 -15.80 -6.39
N VAL A 21 1.98 -15.61 -5.18
CA VAL A 21 2.82 -15.64 -3.99
C VAL A 21 2.64 -16.92 -3.17
N TYR A 22 3.75 -17.56 -2.82
CA TYR A 22 3.71 -18.84 -2.11
C TYR A 22 4.47 -18.85 -0.79
N LEU A 23 3.97 -19.65 0.14
CA LEU A 23 4.73 -20.01 1.33
C LEU A 23 5.87 -20.93 0.91
N ALA A 24 7.04 -20.76 1.50
CA ALA A 24 8.19 -21.60 1.16
C ALA A 24 9.21 -21.64 2.29
N ARG A 25 9.97 -22.72 2.34
CA ARG A 25 11.02 -22.90 3.35
C ARG A 25 12.36 -23.21 2.70
N GLU A 26 13.39 -22.49 3.13
CA GLU A 26 14.74 -22.69 2.59
C GLU A 26 15.37 -23.93 3.21
N LYS A 27 15.86 -24.84 2.36
CA LYS A 27 16.18 -26.20 2.78
C LYS A 27 17.26 -26.37 3.87
N GLN A 28 18.34 -25.59 3.82
CA GLN A 28 19.41 -25.78 4.80
C GLN A 28 19.16 -25.03 6.11
N SER A 29 18.56 -23.84 6.01
CA SER A 29 18.33 -23.04 7.21
C SER A 29 16.94 -23.26 7.81
N LYS A 30 16.06 -23.91 7.04
CA LYS A 30 14.64 -24.07 7.40
C LYS A 30 13.93 -22.73 7.59
N PHE A 31 14.46 -21.69 6.95
CA PHE A 31 13.89 -20.35 7.08
C PHE A 31 12.58 -20.23 6.30
N ILE A 32 11.52 -19.81 6.98
CA ILE A 32 10.22 -19.64 6.32
C ILE A 32 10.07 -18.23 5.76
N LEU A 33 9.58 -18.15 4.53
CA LEU A 33 9.48 -16.90 3.82
C LEU A 33 8.36 -16.98 2.77
N ALA A 34 8.24 -15.93 1.98
CA ALA A 34 7.25 -15.88 0.90
C ALA A 34 7.95 -15.72 -0.45
N LEU A 35 7.48 -16.48 -1.44
CA LEU A 35 8.05 -16.46 -2.78
C LEU A 35 7.08 -15.81 -3.78
N LYS A 36 7.39 -14.60 -4.22
CA LYS A 36 6.57 -13.92 -5.21
C LYS A 36 7.05 -14.31 -6.61
N VAL A 37 6.16 -14.94 -7.38
CA VAL A 37 6.51 -15.49 -8.70
C VAL A 37 5.95 -14.64 -9.83
N LEU A 38 6.79 -14.30 -10.81
CA LEU A 38 6.36 -13.47 -11.95
C LEU A 38 6.73 -14.11 -13.29
N PHE A 39 5.78 -14.13 -14.21
CA PHE A 39 5.98 -14.76 -15.52
C PHE A 39 6.56 -13.79 -16.54
N LYS A 40 7.83 -14.00 -16.90
CA LYS A 40 8.58 -13.11 -17.79
C LYS A 40 7.83 -12.65 -19.04
N ALA A 41 7.05 -13.54 -19.63
CA ALA A 41 6.30 -13.23 -20.85
C ALA A 41 5.28 -12.13 -20.62
N GLN A 42 4.61 -12.16 -19.48
CA GLN A 42 3.60 -11.16 -19.16
C GLN A 42 4.26 -9.86 -18.76
N LEU A 43 5.40 -9.96 -18.08
CA LEU A 43 6.21 -8.80 -17.75
C LEU A 43 6.67 -8.08 -19.01
N GLU A 44 6.96 -8.85 -20.06
CA GLU A 44 7.35 -8.29 -21.34
C GLU A 44 6.14 -7.77 -22.12
N LYS A 45 5.10 -8.59 -22.20
CA LYS A 45 3.89 -8.22 -22.93
C LYS A 45 3.34 -6.88 -22.46
N ALA A 46 3.55 -6.58 -21.18
CA ALA A 46 3.04 -5.35 -20.58
C ALA A 46 4.14 -4.28 -20.46
N GLY A 47 5.39 -4.70 -20.69
CA GLY A 47 6.51 -3.78 -20.66
C GLY A 47 6.72 -3.08 -19.33
N VAL A 48 6.71 -3.85 -18.26
CA VAL A 48 6.87 -3.28 -16.92
C VAL A 48 8.10 -3.85 -16.23
N GLU A 49 9.11 -4.19 -17.03
CA GLU A 49 10.39 -4.65 -16.51
C GLU A 49 11.00 -3.59 -15.60
N HIS A 50 10.75 -2.33 -15.95
CA HIS A 50 11.28 -1.20 -15.20
C HIS A 50 10.65 -1.08 -13.81
N GLN A 51 9.39 -1.53 -13.69
CA GLN A 51 8.71 -1.53 -12.40
C GLN A 51 9.35 -2.56 -11.47
N LEU A 52 9.52 -3.78 -11.98
CA LEU A 52 10.14 -4.87 -11.23
C LEU A 52 11.50 -4.47 -10.67
N ARG A 53 12.30 -3.85 -11.53
CA ARG A 53 13.63 -3.40 -11.17
C ARG A 53 13.54 -2.32 -10.08
N ARG A 54 12.57 -1.42 -10.22
CA ARG A 54 12.28 -0.42 -9.21
C ARG A 54 11.89 -1.05 -7.86
N GLU A 55 11.00 -2.04 -7.93
CA GLU A 55 10.56 -2.76 -6.74
C GLU A 55 11.72 -3.39 -5.98
N VAL A 56 12.58 -4.12 -6.69
CA VAL A 56 13.72 -4.80 -6.07
C VAL A 56 14.69 -3.80 -5.46
N GLU A 57 15.05 -2.77 -6.22
CA GLU A 57 16.03 -1.79 -5.77
C GLU A 57 15.58 -1.04 -4.53
N ILE A 58 14.38 -0.48 -4.58
CA ILE A 58 13.85 0.32 -3.49
C ILE A 58 13.60 -0.50 -2.23
N GLN A 59 12.89 -1.61 -2.36
CA GLN A 59 12.46 -2.38 -1.20
C GLN A 59 13.62 -3.08 -0.48
N SER A 60 14.67 -3.42 -1.22
CA SER A 60 15.81 -4.12 -0.62
C SER A 60 16.67 -3.20 0.25
N HIS A 61 16.68 -1.91 -0.08
CA HIS A 61 17.51 -0.97 0.68
C HIS A 61 16.77 -0.29 1.82
N LEU A 62 15.44 -0.44 1.88
CA LEU A 62 14.65 0.12 2.99
C LEU A 62 14.68 -0.77 4.22
N ARG A 63 14.74 -0.15 5.40
CA ARG A 63 14.68 -0.87 6.68
C ARG A 63 13.81 -0.12 7.68
N HIS A 64 12.62 -0.66 7.95
CA HIS A 64 11.67 -0.08 8.90
C HIS A 64 10.75 -1.21 9.35
N PRO A 65 10.36 -1.22 10.65
CA PRO A 65 9.52 -2.32 11.14
C PRO A 65 8.13 -2.36 10.50
N ASN A 66 7.72 -1.26 9.90
CA ASN A 66 6.40 -1.18 9.28
C ASN A 66 6.50 -1.20 7.75
N ILE A 67 7.62 -1.68 7.25
CA ILE A 67 7.83 -1.91 5.82
C ILE A 67 8.31 -3.35 5.62
N LEU A 68 7.71 -4.06 4.67
CA LEU A 68 8.03 -5.48 4.42
C LEU A 68 9.40 -5.67 3.76
N ARG A 69 10.23 -6.52 4.36
CA ARG A 69 11.58 -6.78 3.84
C ARG A 69 11.56 -7.54 2.51
N LEU A 70 12.58 -7.30 1.70
CA LEU A 70 12.84 -8.09 0.50
C LEU A 70 14.29 -8.57 0.57
N TYR A 71 14.49 -9.89 0.64
CA TYR A 71 15.82 -10.45 0.86
C TYR A 71 16.62 -10.72 -0.41
N GLY A 72 15.95 -10.86 -1.57
CA GLY A 72 16.65 -11.12 -2.80
C GLY A 72 15.81 -11.63 -3.96
N TYR A 73 16.46 -12.14 -5.01
CA TYR A 73 15.75 -12.62 -6.20
C TYR A 73 16.60 -13.54 -7.09
N PHE A 74 15.91 -14.31 -7.94
CA PHE A 74 16.54 -15.16 -8.97
C PHE A 74 15.53 -15.38 -10.09
N HIS A 75 15.92 -16.05 -11.16
CA HIS A 75 15.06 -16.21 -12.32
C HIS A 75 15.45 -17.45 -13.13
N ASP A 76 14.63 -17.90 -14.08
CA ASP A 76 14.87 -19.22 -14.70
C ASP A 76 14.32 -19.44 -16.12
N ALA A 77 14.28 -18.35 -16.90
CA ALA A 77 13.94 -18.35 -18.32
C ALA A 77 12.44 -18.38 -18.61
N THR A 78 11.63 -18.74 -17.63
CA THR A 78 10.19 -18.50 -17.75
C THR A 78 9.72 -17.54 -16.66
N ARG A 79 10.41 -17.55 -15.53
CA ARG A 79 9.93 -16.81 -14.36
C ARG A 79 10.99 -15.98 -13.62
N VAL A 80 10.53 -14.95 -12.91
CA VAL A 80 11.33 -14.25 -11.92
C VAL A 80 10.77 -14.56 -10.53
N TYR A 81 11.65 -14.67 -9.54
CA TYR A 81 11.23 -15.00 -8.18
C TYR A 81 11.75 -13.97 -7.16
N LEU A 82 10.83 -13.29 -6.46
CA LEU A 82 11.23 -12.37 -5.41
C LEU A 82 11.14 -13.02 -4.03
N ILE A 83 12.22 -12.96 -3.25
CA ILE A 83 12.28 -13.56 -1.92
C ILE A 83 11.87 -12.56 -0.83
N LEU A 84 10.71 -12.77 -0.23
CA LEU A 84 10.12 -11.81 0.70
C LEU A 84 9.99 -12.28 2.15
N GLU A 85 9.93 -11.32 3.06
CA GLU A 85 9.52 -11.57 4.44
C GLU A 85 8.08 -12.12 4.44
N TYR A 86 7.86 -13.22 5.17
CA TYR A 86 6.52 -13.80 5.31
C TYR A 86 5.74 -13.05 6.39
N ALA A 87 4.55 -12.58 6.02
CA ALA A 87 3.65 -11.91 6.96
C ALA A 87 2.54 -12.87 7.38
N PRO A 88 2.61 -13.38 8.62
CA PRO A 88 1.75 -14.51 9.03
C PRO A 88 0.28 -14.19 9.30
N LEU A 89 -0.11 -12.95 9.54
CA LEU A 89 -1.51 -12.68 9.85
C LEU A 89 -2.28 -12.09 8.65
N GLY A 90 -1.71 -12.18 7.45
CA GLY A 90 -2.43 -11.85 6.23
C GLY A 90 -2.58 -10.38 5.89
N THR A 91 -3.55 -10.07 5.03
CA THR A 91 -3.77 -8.70 4.55
C THR A 91 -4.78 -7.93 5.39
N VAL A 92 -4.64 -6.62 5.39
CA VAL A 92 -5.63 -5.75 6.01
C VAL A 92 -6.95 -5.86 5.22
N TYR A 93 -6.84 -6.10 3.92
CA TYR A 93 -8.02 -6.34 3.07
C TYR A 93 -8.89 -7.45 3.65
N ARG A 94 -8.27 -8.59 3.95
CA ARG A 94 -8.97 -9.74 4.53
C ARG A 94 -9.64 -9.39 5.85
N GLU A 95 -8.92 -8.63 6.68
CA GLU A 95 -9.42 -8.28 8.00
C GLU A 95 -10.66 -7.41 7.90
N LEU A 96 -10.69 -6.53 6.89
CA LEU A 96 -11.84 -5.68 6.66
C LEU A 96 -13.07 -6.46 6.17
N GLN A 97 -12.85 -7.47 5.34
CA GLN A 97 -13.93 -8.34 4.90
C GLN A 97 -14.50 -9.10 6.10
N LYS A 98 -13.62 -9.48 7.03
CA LYS A 98 -14.02 -10.23 8.20
C LYS A 98 -14.90 -9.42 9.15
N LEU A 99 -14.45 -8.20 9.49
CA LEU A 99 -15.10 -7.40 10.52
C LEU A 99 -16.06 -6.31 10.00
N SER A 100 -16.10 -6.14 8.69
CA SER A 100 -16.94 -5.11 8.01
C SER A 100 -16.43 -3.68 8.20
N LYS A 101 -16.32 -3.22 9.45
CA LYS A 101 -15.71 -1.93 9.76
C LYS A 101 -14.73 -2.08 10.92
N PHE A 102 -13.79 -1.15 11.02
CA PHE A 102 -12.88 -1.11 12.17
C PHE A 102 -13.37 -0.05 13.17
N ASP A 103 -13.11 -0.25 14.46
CA ASP A 103 -13.44 0.79 15.43
C ASP A 103 -12.42 1.91 15.34
N GLU A 104 -12.58 2.94 16.17
CA GLU A 104 -11.71 4.11 16.09
C GLU A 104 -10.28 3.81 16.57
N GLN A 105 -10.15 2.95 17.59
CA GLN A 105 -8.84 2.63 18.14
C GLN A 105 -8.00 1.85 17.13
N ARG A 106 -8.61 0.85 16.50
CA ARG A 106 -7.95 0.04 15.48
C ARG A 106 -7.55 0.87 14.28
N THR A 107 -8.46 1.73 13.83
CA THR A 107 -8.22 2.63 12.71
C THR A 107 -7.07 3.59 12.98
N ALA A 108 -7.13 4.27 14.12
CA ALA A 108 -6.09 5.21 14.53
C ALA A 108 -4.73 4.54 14.66
N THR A 109 -4.71 3.30 15.15
CA THR A 109 -3.44 2.59 15.32
C THR A 109 -2.84 2.23 13.97
N TYR A 110 -3.67 1.78 13.03
CA TYR A 110 -3.20 1.48 11.68
C TYR A 110 -2.65 2.75 11.01
N ILE A 111 -3.35 3.87 11.21
CA ILE A 111 -2.95 5.14 10.59
C ILE A 111 -1.58 5.60 11.10
N THR A 112 -1.31 5.37 12.38
CA THR A 112 -0.04 5.77 12.96
C THR A 112 1.13 4.94 12.42
N GLU A 113 0.93 3.63 12.34
CA GLU A 113 1.95 2.73 11.79
C GLU A 113 2.23 3.05 10.32
N LEU A 114 1.17 3.35 9.58
CA LEU A 114 1.27 3.79 8.19
C LEU A 114 2.06 5.09 8.05
N ALA A 115 1.68 6.09 8.84
CA ALA A 115 2.29 7.41 8.76
C ALA A 115 3.75 7.38 9.17
N ASN A 116 4.11 6.47 10.07
CA ASN A 116 5.52 6.25 10.42
C ASN A 116 6.27 5.68 9.22
N ALA A 117 5.67 4.66 8.61
CA ALA A 117 6.27 3.98 7.47
C ALA A 117 6.47 4.92 6.29
N LEU A 118 5.43 5.69 5.95
CA LEU A 118 5.51 6.63 4.85
C LEU A 118 6.50 7.77 5.15
N SER A 119 6.54 8.20 6.40
CA SER A 119 7.46 9.25 6.82
C SER A 119 8.91 8.87 6.52
N TYR A 120 9.26 7.65 6.90
CA TYR A 120 10.57 7.08 6.60
C TYR A 120 10.84 7.05 5.09
N CYS A 121 9.85 6.64 4.30
CA CYS A 121 9.98 6.60 2.84
C CYS A 121 10.21 7.98 2.24
N HIS A 122 9.40 8.96 2.65
CA HIS A 122 9.48 10.30 2.08
C HIS A 122 10.81 10.99 2.43
N SER A 123 11.47 10.51 3.49
CA SER A 123 12.75 11.09 3.89
C SER A 123 13.89 10.64 2.96
N LYS A 124 13.58 9.78 2.01
CA LYS A 124 14.50 9.45 0.93
C LYS A 124 13.90 9.90 -0.39
N ARG A 125 12.81 10.67 -0.29
CA ARG A 125 12.02 11.08 -1.44
C ARG A 125 11.57 9.87 -2.26
N VAL A 126 11.13 8.82 -1.58
CA VAL A 126 10.47 7.69 -2.23
C VAL A 126 8.96 7.82 -2.03
N ILE A 127 8.20 7.79 -3.12
CA ILE A 127 6.75 7.80 -2.98
C ILE A 127 6.17 6.47 -3.46
N HIS A 128 5.30 5.89 -2.64
CA HIS A 128 4.80 4.53 -2.88
C HIS A 128 3.77 4.46 -4.02
N ARG A 129 2.75 5.32 -3.92
CA ARG A 129 1.75 5.55 -4.98
C ARG A 129 0.70 4.45 -5.16
N ASP A 130 0.79 3.35 -4.42
CA ASP A 130 -0.20 2.27 -4.56
C ASP A 130 -0.63 1.71 -3.20
N ILE A 131 -0.90 2.62 -2.28
CA ILE A 131 -1.33 2.28 -0.93
C ILE A 131 -2.81 1.88 -0.88
N LYS A 132 -3.07 0.60 -0.60
CA LYS A 132 -4.44 0.09 -0.46
C LYS A 132 -4.44 -1.22 0.35
N PRO A 133 -5.62 -1.64 0.87
CA PRO A 133 -5.68 -2.78 1.80
C PRO A 133 -4.99 -4.09 1.33
N GLU A 134 -5.02 -4.43 0.05
CA GLU A 134 -4.37 -5.65 -0.43
C GLU A 134 -2.84 -5.57 -0.35
N ASN A 135 -2.32 -4.36 -0.23
CA ASN A 135 -0.87 -4.18 -0.20
C ASN A 135 -0.36 -3.87 1.20
N LEU A 136 -1.26 -3.95 2.18
CA LEU A 136 -0.90 -3.77 3.58
C LEU A 136 -1.01 -5.11 4.30
N LEU A 137 0.11 -5.58 4.86
CA LEU A 137 0.14 -6.91 5.47
C LEU A 137 0.34 -6.80 6.98
N LEU A 138 0.18 -7.93 7.67
CA LEU A 138 0.17 -7.93 9.13
C LEU A 138 1.19 -8.90 9.71
N GLY A 139 2.04 -8.39 10.61
CA GLY A 139 3.06 -9.20 11.25
C GLY A 139 2.52 -10.10 12.36
N SER A 140 3.41 -10.81 13.03
CA SER A 140 3.00 -11.80 14.03
C SER A 140 2.36 -11.17 15.27
N ALA A 141 2.71 -9.92 15.56
CA ALA A 141 2.10 -9.22 16.68
C ALA A 141 1.00 -8.29 16.17
N GLY A 142 0.58 -8.50 14.93
CA GLY A 142 -0.53 -7.76 14.35
C GLY A 142 -0.17 -6.40 13.79
N GLU A 143 1.12 -6.09 13.73
CA GLU A 143 1.57 -4.77 13.28
C GLU A 143 1.48 -4.64 11.76
N LEU A 144 1.16 -3.44 11.29
CA LEU A 144 0.96 -3.18 9.87
C LEU A 144 2.29 -3.09 9.12
N LYS A 145 2.30 -3.63 7.90
CA LYS A 145 3.49 -3.59 7.04
C LYS A 145 3.13 -3.26 5.59
N ILE A 146 3.65 -2.14 5.10
CA ILE A 146 3.49 -1.76 3.70
C ILE A 146 4.28 -2.69 2.78
N ALA A 147 3.67 -3.10 1.67
CA ALA A 147 4.33 -3.98 0.71
C ALA A 147 4.00 -3.59 -0.72
N ASP A 148 4.52 -4.35 -1.68
CA ASP A 148 4.26 -4.17 -3.11
C ASP A 148 4.71 -2.80 -3.64
N PHE A 149 6.02 -2.64 -3.85
CA PHE A 149 6.61 -1.37 -4.23
C PHE A 149 6.77 -1.20 -5.74
N GLY A 150 6.05 -2.01 -6.52
CA GLY A 150 6.12 -1.94 -7.97
C GLY A 150 5.92 -0.56 -8.56
N TRP A 151 4.97 0.19 -8.01
CA TRP A 151 4.63 1.51 -8.55
C TRP A 151 5.42 2.68 -7.95
N SER A 152 6.36 2.39 -7.04
CA SER A 152 7.08 3.45 -6.32
C SER A 152 8.14 4.14 -7.18
N VAL A 153 8.49 5.38 -6.80
CA VAL A 153 9.46 6.23 -7.53
C VAL A 153 10.09 7.31 -6.65
N HIS A 154 11.01 8.08 -7.25
CA HIS A 154 11.51 9.32 -6.64
C HIS A 154 10.71 10.52 -7.18
N ALA A 155 10.51 11.53 -6.34
CA ALA A 155 9.69 12.70 -6.70
C ALA A 155 10.56 13.90 -7.08
N PRO A 156 10.04 14.80 -7.94
CA PRO A 156 8.72 14.78 -8.60
C PRO A 156 8.63 13.75 -9.71
N SER A 157 7.44 13.56 -10.27
CA SER A 157 7.24 12.50 -11.24
C SER A 157 6.03 12.75 -12.13
N SER A 158 6.11 12.24 -13.36
CA SER A 158 4.94 12.13 -14.21
C SER A 158 4.53 10.67 -14.18
N ARG A 159 3.35 10.35 -14.70
CA ARG A 159 3.01 8.95 -14.87
C ARG A 159 3.21 8.57 -16.33
N ARG A 160 4.13 7.64 -16.56
CA ARG A 160 4.44 7.21 -17.92
C ARG A 160 3.65 5.94 -18.28
N THR A 161 3.30 5.15 -17.28
CA THR A 161 2.65 3.85 -17.53
C THR A 161 1.14 3.85 -17.21
N TPO A 162 0.42 2.93 -17.85
CA TPO A 162 -1.04 2.88 -17.82
CB TPO A 162 -1.55 2.03 -19.02
CG2 TPO A 162 -3.07 1.84 -18.95
OG1 TPO A 162 -1.20 2.64 -20.27
P TPO A 162 -0.33 1.62 -21.16
O1P TPO A 162 1.18 1.57 -20.61
O2P TPO A 162 -0.91 0.25 -21.10
O3P TPO A 162 -0.31 2.11 -22.69
C TPO A 162 -1.64 2.34 -16.50
O TPO A 162 -1.29 1.24 -16.08
N LEU A 163 -2.54 3.10 -15.89
CA LEU A 163 -3.28 2.63 -14.71
C LEU A 163 -4.18 1.48 -15.12
N ALA A 164 -4.07 0.34 -14.45
CA ALA A 164 -4.72 -0.88 -14.88
C ALA A 164 -6.15 -1.03 -14.36
N GLY A 165 -6.29 -1.14 -13.03
CA GLY A 165 -7.58 -1.43 -12.42
C GLY A 165 -8.30 -0.27 -11.77
N THR A 166 -8.40 -0.31 -10.44
CA THR A 166 -9.24 0.63 -9.70
C THR A 166 -8.62 2.02 -9.51
N LEU A 167 -9.48 3.03 -9.61
CA LEU A 167 -9.08 4.42 -9.39
C LEU A 167 -9.21 4.85 -7.93
N ASP A 168 -9.85 4.01 -7.13
CA ASP A 168 -10.40 4.40 -5.82
C ASP A 168 -9.44 5.09 -4.86
N TYR A 169 -8.14 4.85 -5.01
CA TYR A 169 -7.18 5.35 -4.03
C TYR A 169 -6.28 6.47 -4.56
N LEU A 170 -6.47 6.85 -5.82
CA LEU A 170 -5.58 7.84 -6.46
C LEU A 170 -6.12 9.26 -6.40
N PRO A 171 -5.23 10.25 -6.22
CA PRO A 171 -5.61 11.67 -6.17
C PRO A 171 -5.94 12.22 -7.56
N PRO A 172 -6.58 13.40 -7.63
CA PRO A 172 -6.92 14.03 -8.92
C PRO A 172 -5.71 14.25 -9.83
N GLU A 173 -4.58 14.69 -9.29
CA GLU A 173 -3.43 15.01 -10.13
C GLU A 173 -2.87 13.77 -10.81
N MET A 174 -3.07 12.61 -10.21
CA MET A 174 -2.49 11.40 -10.77
C MET A 174 -3.38 10.78 -11.85
N ILE A 175 -4.70 10.81 -11.65
CA ILE A 175 -5.59 10.27 -12.66
C ILE A 175 -5.60 11.16 -13.90
N GLU A 176 -5.34 12.45 -13.69
CA GLU A 176 -5.36 13.41 -14.78
C GLU A 176 -4.02 13.50 -15.50
N GLY A 177 -3.06 12.69 -15.07
CA GLY A 177 -1.80 12.56 -15.77
C GLY A 177 -0.81 13.67 -15.49
N ARG A 178 -1.20 14.60 -14.63
CA ARG A 178 -0.34 15.70 -14.27
C ARG A 178 0.85 15.19 -13.52
N MET A 179 1.67 16.11 -13.12
CA MET A 179 2.76 15.69 -12.32
C MET A 179 2.38 15.68 -10.86
N HIS A 180 3.23 15.10 -10.02
CA HIS A 180 2.83 14.85 -8.64
C HIS A 180 4.03 14.58 -7.74
N ASP A 181 3.78 14.57 -6.43
CA ASP A 181 4.84 14.33 -5.46
C ASP A 181 4.36 13.54 -4.26
N GLU A 182 5.13 13.64 -3.18
CA GLU A 182 4.81 13.01 -1.89
C GLU A 182 3.34 13.10 -1.48
N LYS A 183 2.69 14.20 -1.85
CA LYS A 183 1.33 14.46 -1.41
C LYS A 183 0.32 13.42 -1.91
N VAL A 184 0.69 12.63 -2.91
CA VAL A 184 -0.21 11.58 -3.39
C VAL A 184 -0.45 10.53 -2.31
N ASP A 185 0.58 10.25 -1.51
CA ASP A 185 0.47 9.24 -0.46
C ASP A 185 -0.36 9.76 0.70
N LEU A 186 -0.50 11.08 0.78
CA LEU A 186 -1.28 11.66 1.87
C LEU A 186 -2.78 11.64 1.52
N TRP A 187 -3.10 11.84 0.25
CA TRP A 187 -4.46 11.62 -0.23
C TRP A 187 -4.91 10.18 0.06
N SER A 188 -4.09 9.22 -0.34
CA SER A 188 -4.37 7.80 -0.12
C SER A 188 -4.58 7.46 1.35
N LEU A 189 -3.84 8.13 2.21
CA LEU A 189 -4.00 7.96 3.66
C LEU A 189 -5.40 8.40 4.11
N GLY A 190 -5.90 9.49 3.52
CA GLY A 190 -7.25 9.95 3.80
C GLY A 190 -8.29 8.95 3.33
N VAL A 191 -8.11 8.44 2.12
CA VAL A 191 -9.03 7.45 1.56
C VAL A 191 -9.12 6.21 2.44
N LEU A 192 -7.97 5.72 2.90
CA LEU A 192 -7.92 4.56 3.79
C LEU A 192 -8.66 4.79 5.10
N CYS A 193 -8.36 5.90 5.76
CA CYS A 193 -8.97 6.22 7.05
C CYS A 193 -10.49 6.23 6.94
N TYR A 194 -11.01 6.74 5.83
CA TYR A 194 -12.46 6.70 5.59
C TYR A 194 -12.93 5.25 5.46
N GLU A 195 -12.28 4.48 4.59
CA GLU A 195 -12.67 3.10 4.36
C GLU A 195 -12.58 2.22 5.62
N PHE A 196 -11.57 2.45 6.45
CA PHE A 196 -11.43 1.70 7.70
C PHE A 196 -12.66 1.86 8.59
N LEU A 197 -13.16 3.10 8.71
CA LEU A 197 -14.28 3.39 9.61
C LEU A 197 -15.66 3.09 9.02
N VAL A 198 -15.79 3.15 7.69
CA VAL A 198 -17.09 3.13 7.05
C VAL A 198 -17.38 1.80 6.33
N GLY A 199 -16.33 1.15 5.84
CA GLY A 199 -16.50 -0.15 5.20
C GLY A 199 -16.31 -0.11 3.69
N LYS A 200 -16.35 1.10 3.14
CA LYS A 200 -16.18 1.31 1.70
C LYS A 200 -15.42 2.61 1.47
N PRO A 201 -14.68 2.70 0.35
CA PRO A 201 -13.93 3.95 0.07
C PRO A 201 -14.84 5.10 -0.37
N PRO A 202 -14.45 6.35 -0.09
CA PRO A 202 -15.32 7.53 -0.22
C PRO A 202 -15.81 7.86 -1.64
N PHE A 203 -15.16 7.37 -2.69
CA PHE A 203 -15.55 7.74 -4.04
C PHE A 203 -16.01 6.52 -4.83
N GLU A 204 -16.32 5.46 -4.09
CA GLU A 204 -16.72 4.18 -4.70
C GLU A 204 -17.96 4.34 -5.55
N ALA A 205 -17.99 3.57 -6.62
CA ALA A 205 -18.83 3.94 -7.73
C ALA A 205 -19.03 2.76 -8.68
N ASN A 206 -20.11 2.77 -9.46
CA ASN A 206 -20.44 1.59 -10.28
C ASN A 206 -19.63 1.43 -11.55
N THR A 207 -19.15 2.56 -12.07
CA THR A 207 -18.38 2.54 -13.30
C THR A 207 -17.11 3.35 -13.14
N TYR A 208 -16.13 3.03 -13.97
CA TYR A 208 -14.89 3.77 -14.05
C TYR A 208 -15.16 5.25 -14.26
N GLN A 209 -16.04 5.51 -15.23
CA GLN A 209 -16.36 6.84 -15.68
C GLN A 209 -16.93 7.72 -14.58
N GLU A 210 -17.72 7.11 -13.71
CA GLU A 210 -18.31 7.89 -12.62
C GLU A 210 -17.35 8.14 -11.47
N THR A 211 -16.53 7.14 -11.13
CA THR A 211 -15.55 7.25 -10.06
C THR A 211 -14.56 8.38 -10.37
N TYR A 212 -14.15 8.45 -11.64
CA TYR A 212 -13.29 9.53 -12.10
C TYR A 212 -13.95 10.86 -11.80
N LYS A 213 -15.26 10.94 -12.03
CA LYS A 213 -16.00 12.18 -11.81
C LYS A 213 -16.02 12.56 -10.34
N ARG A 214 -16.30 11.60 -9.47
CA ARG A 214 -16.40 11.89 -8.04
C ARG A 214 -15.05 12.29 -7.44
N ILE A 215 -13.96 11.69 -7.92
CA ILE A 215 -12.62 12.01 -7.44
C ILE A 215 -12.15 13.42 -7.84
N SER A 216 -12.33 13.77 -9.11
CA SER A 216 -11.87 15.09 -9.56
C SER A 216 -12.74 16.20 -8.94
N ARG A 217 -13.94 15.84 -8.51
CA ARG A 217 -14.84 16.79 -7.84
C ARG A 217 -14.73 16.76 -6.32
N VAL A 218 -13.99 15.77 -5.80
CA VAL A 218 -13.93 15.47 -4.37
C VAL A 218 -15.34 15.39 -3.78
N GLU A 219 -16.14 14.46 -4.30
CA GLU A 219 -17.53 14.29 -3.85
C GLU A 219 -17.72 13.15 -2.86
N PHE A 220 -17.67 13.45 -1.57
CA PHE A 220 -17.87 12.42 -0.55
C PHE A 220 -18.72 12.93 0.62
N THR A 221 -19.50 12.03 1.21
CA THR A 221 -20.25 12.35 2.43
C THR A 221 -20.02 11.30 3.51
N PHE A 222 -20.23 11.71 4.76
CA PHE A 222 -20.04 10.82 5.93
C PHE A 222 -21.36 10.24 6.42
N PRO A 223 -21.34 8.96 6.82
CA PRO A 223 -22.46 8.43 7.61
C PRO A 223 -22.54 9.13 8.96
N ASP A 224 -23.70 9.10 9.61
CA ASP A 224 -23.88 9.82 10.87
C ASP A 224 -22.92 9.37 11.99
N PHE A 225 -22.48 8.10 11.95
CA PHE A 225 -21.71 7.57 13.07
C PHE A 225 -20.22 7.97 13.06
N VAL A 226 -19.78 8.66 12.01
CA VAL A 226 -18.40 9.13 11.98
C VAL A 226 -18.25 10.37 12.86
N THR A 227 -17.35 10.29 13.84
CA THR A 227 -17.21 11.34 14.85
C THR A 227 -16.51 12.57 14.29
N GLU A 228 -16.66 13.70 14.99
CA GLU A 228 -16.19 14.99 14.48
C GLU A 228 -14.69 15.00 14.23
N GLY A 229 -13.93 14.38 15.13
CA GLY A 229 -12.48 14.35 15.03
C GLY A 229 -11.96 13.52 13.86
N ALA A 230 -12.69 12.46 13.53
CA ALA A 230 -12.37 11.66 12.35
C ALA A 230 -12.70 12.45 11.08
N ARG A 231 -13.87 13.08 11.09
CA ARG A 231 -14.28 13.96 10.00
C ARG A 231 -13.24 15.05 9.74
N ASP A 232 -12.66 15.58 10.80
CA ASP A 232 -11.69 16.65 10.67
C ASP A 232 -10.44 16.18 9.96
N LEU A 233 -9.93 15.02 10.37
CA LEU A 233 -8.70 14.47 9.79
C LEU A 233 -8.89 14.14 8.32
N ILE A 234 -9.98 13.43 8.02
CA ILE A 234 -10.25 12.98 6.65
C ILE A 234 -10.45 14.17 5.71
N SER A 235 -11.22 15.17 6.15
CA SER A 235 -11.46 16.37 5.34
C SER A 235 -10.18 17.15 5.04
N ARG A 236 -9.18 17.03 5.92
CA ARG A 236 -7.92 17.73 5.73
C ARG A 236 -7.00 17.03 4.71
N LEU A 237 -7.10 15.70 4.63
CA LEU A 237 -6.26 14.94 3.72
C LEU A 237 -6.81 14.86 2.30
N LEU A 238 -8.13 14.94 2.17
CA LEU A 238 -8.77 14.84 0.86
C LEU A 238 -8.98 16.23 0.25
N LYS A 239 -7.90 16.97 0.13
CA LYS A 239 -7.87 18.31 -0.48
C LYS A 239 -7.51 18.21 -1.95
N HIS A 240 -8.28 18.87 -2.82
CA HIS A 240 -8.00 18.80 -4.25
C HIS A 240 -6.61 19.35 -4.57
N ASN A 241 -6.24 20.43 -3.90
CA ASN A 241 -4.92 21.04 -4.06
C ASN A 241 -3.92 20.35 -3.13
N PRO A 242 -2.93 19.65 -3.72
CA PRO A 242 -1.92 18.90 -2.97
C PRO A 242 -1.23 19.70 -1.88
N SER A 243 -0.93 20.97 -2.15
CA SER A 243 -0.22 21.82 -1.21
C SER A 243 -1.04 22.08 0.06
N GLN A 244 -2.35 21.89 -0.02
CA GLN A 244 -3.22 22.12 1.13
C GLN A 244 -3.30 20.88 2.02
N ARG A 245 -2.85 19.74 1.52
CA ARG A 245 -2.78 18.52 2.34
C ARG A 245 -1.70 18.68 3.42
N PRO A 246 -1.99 18.22 4.65
CA PRO A 246 -1.09 18.38 5.80
C PRO A 246 0.24 17.65 5.62
N MET A 247 1.15 17.79 6.57
CA MET A 247 2.37 16.99 6.58
C MET A 247 2.14 15.77 7.47
N LEU A 248 2.97 14.75 7.33
CA LEU A 248 2.81 13.53 8.11
C LEU A 248 3.00 13.79 9.61
N ARG A 249 3.85 14.76 9.95
CA ARG A 249 4.06 15.12 11.34
C ARG A 249 2.78 15.67 11.97
N GLU A 250 1.98 16.37 11.17
CA GLU A 250 0.71 16.91 11.64
C GLU A 250 -0.32 15.80 11.83
N VAL A 251 -0.33 14.85 10.91
CA VAL A 251 -1.20 13.68 11.04
C VAL A 251 -0.88 12.95 12.34
N LEU A 252 0.40 12.73 12.60
CA LEU A 252 0.85 11.98 13.76
C LEU A 252 0.52 12.65 15.10
N GLU A 253 0.30 13.97 15.10
CA GLU A 253 -0.05 14.65 16.34
C GLU A 253 -1.42 15.32 16.26
N HIS A 254 -2.25 14.85 15.35
CA HIS A 254 -3.66 15.25 15.30
C HIS A 254 -4.34 14.70 16.55
N PRO A 255 -5.21 15.51 17.18
CA PRO A 255 -5.89 15.16 18.45
C PRO A 255 -6.63 13.82 18.42
N TRP A 256 -7.36 13.55 17.35
CA TRP A 256 -8.14 12.31 17.23
C TRP A 256 -7.21 11.10 17.15
N ILE A 257 -6.05 11.28 16.53
CA ILE A 257 -5.04 10.24 16.44
C ILE A 257 -4.43 9.94 17.81
N THR A 258 -3.96 10.98 18.48
CA THR A 258 -3.29 10.83 19.77
C THR A 258 -4.23 10.27 20.85
N ALA A 259 -5.51 10.58 20.73
CA ALA A 259 -6.50 10.11 21.69
C ALA A 259 -6.85 8.64 21.49
N ASN A 260 -6.70 8.14 20.26
CA ASN A 260 -7.23 6.82 19.94
C ASN A 260 -6.20 5.75 19.58
N SER A 261 -5.04 6.16 19.08
CA SER A 261 -4.00 5.20 18.69
C SER A 261 -3.31 4.59 19.92
N SER A 262 -3.01 3.30 19.85
CA SER A 262 -2.33 2.64 20.96
C SER A 262 -0.83 2.47 20.72
N LYS A 263 -0.32 3.09 19.66
CA LYS A 263 1.10 3.08 19.37
C LYS A 263 1.67 4.50 19.22
N PRO A 264 2.94 4.70 19.63
CA PRO A 264 3.58 6.00 19.47
C PRO A 264 4.20 6.21 18.10
N SER A 265 4.68 7.42 17.84
CA SER A 265 5.35 7.75 16.59
C SER A 265 6.86 7.56 16.71
PB ADP B . 1.09 -7.74 -7.01
O1B ADP B . 2.33 -6.90 -7.20
O2B ADP B . 0.77 -8.63 -8.18
O3B ADP B . -0.11 -6.98 -6.50
PA ADP B . 1.68 -8.44 -4.27
O1A ADP B . 3.14 -8.47 -3.93
O2A ADP B . 0.83 -7.26 -3.90
O3A ADP B . 1.48 -8.79 -5.84
O5' ADP B . 1.00 -9.75 -3.62
C5' ADP B . -0.32 -10.15 -4.00
C4' ADP B . -1.06 -10.75 -2.81
O4' ADP B . -0.35 -11.89 -2.28
C3' ADP B . -1.19 -9.79 -1.64
O3' ADP B . -2.35 -8.96 -1.76
C2' ADP B . -1.24 -10.70 -0.45
O2' ADP B . -2.57 -11.20 -0.30
C1' ADP B . -0.37 -11.87 -0.84
N9 ADP B . 1.02 -11.65 -0.35
C8 ADP B . 1.97 -10.98 -1.02
N7 ADP B . 3.13 -10.93 -0.31
C5 ADP B . 2.93 -11.58 0.85
C6 ADP B . 3.74 -11.90 2.04
N6 ADP B . 5.02 -11.50 2.14
N1 ADP B . 3.16 -12.60 3.04
C2 ADP B . 1.87 -13.00 2.96
N3 ADP B . 1.07 -12.75 1.90
C4 ADP B . 1.54 -12.06 0.83
MG MG C . -0.37 -5.80 -4.91
MG MG D . 2.86 -4.87 -8.29
C10 A5H E . 18.43 -15.98 8.13
C9 A5H E . 18.54 -15.36 9.54
C8 A5H E . 17.58 -13.90 8.29
C7 A5H E . 16.88 -13.36 6.00
C4 A5H E . 16.86 -14.91 3.76
C5 A5H E . 16.72 -15.65 2.60
C6 A5H E . 17.34 -14.64 6.14
C3 A5H E . 17.26 -15.53 4.95
C2 A5H E . 17.52 -16.91 4.94
C1 A5H E . 17.39 -17.63 3.78
CL A5H E . 16.82 -17.91 1.14
C A5H E . 16.99 -17.00 2.62
N1 A5H E . 17.78 -14.87 7.41
N A5H E . 17.92 -14.03 9.50
S A5H E . 16.85 -12.56 7.51
#